data_6LLK
#
_entry.id   6LLK
#
_cell.length_a   131.361
_cell.length_b   131.361
_cell.length_c   131.361
_cell.angle_alpha   90.000
_cell.angle_beta   90.000
_cell.angle_gamma   90.000
#
_symmetry.space_group_name_H-M   'P 21 3'
#
loop_
_entity.id
_entity.type
_entity.pdbx_description
1 polymer 'Terminal oxygenase component of carbazole'
2 non-polymer 'FE2/S2 (INORGANIC) CLUSTER'
3 non-polymer 'FE (II) ION'
4 non-polymer 3-(2-hydroxyphenyl)benzene-1,2-diol
5 non-polymer 'DIMETHYL SULFOXIDE'
6 non-polymer (4S)-2-METHYL-2,4-PENTANEDIOL
7 water water
#
_entity_poly.entity_id   1
_entity_poly.type   'polypeptide(L)'
_entity_poly.pdbx_seq_one_letter_code
;MANVDEAILKRVKGWAPYVDAKLGFRNHWYPVMFSKEINEGEPKTLKLLGENLLVNRIDGKLYCLKDRCLHRGVQLSVKV
ECKTKSTITCWYHAWTYRWEDGVLCDILTNPTSAQIGRQKLKTYPVQEAKGCVFIYLGDGDPPPLARDTPPNFLDDDMEI
LGKNQIIKSNWRLAVENGFDPSHIYIHKDSILVKDNDLALPLGFAPGGDRKQQTRVVDDDVVGRKGVYDLIGEHGVPVFE
GTIGGEVVREGAYGEKIVANDISIWLPGVLKVNPFPNPDMMQFEWYVPIDENTHYYFQTLGKPCANDEERKKYEQEFESK
WKPMALEGFNNDDIWAREAMVDFYADDKGWVNEILFESDEAIVAWRKLASEHNQGIQTQAHVSGLEHHHHHH
;
_entity_poly.pdbx_strand_id   A
#
loop_
_chem_comp.id
_chem_comp.type
_chem_comp.name
_chem_comp.formula
DMS non-polymer 'DIMETHYL SULFOXIDE' 'C2 H6 O S'
FE2 non-polymer 'FE (II) ION' 'Fe 2'
FES non-polymer 'FE2/S2 (INORGANIC) CLUSTER' 'Fe2 S2'
MPD non-polymer (4S)-2-METHYL-2,4-PENTANEDIOL 'C6 H14 O2'
WBP non-polymer 3-(2-hydroxyphenyl)benzene-1,2-diol 'C12 H10 O3'
#
# COMPACT_ATOMS: atom_id res chain seq x y z
N ALA A 2 5.21 19.36 9.87
CA ALA A 2 4.53 18.64 10.99
C ALA A 2 5.42 17.48 11.51
N ASN A 3 6.04 16.70 10.60
CA ASN A 3 6.70 15.42 11.01
C ASN A 3 8.25 15.49 10.89
N VAL A 4 8.78 16.46 10.16
CA VAL A 4 10.16 16.46 9.74
C VAL A 4 10.71 17.85 10.04
N ASP A 5 11.95 17.92 10.51
CA ASP A 5 12.63 19.19 10.80
C ASP A 5 12.36 20.15 9.64
N GLU A 6 11.82 21.33 9.94
CA GLU A 6 11.52 22.38 8.91
C GLU A 6 12.75 22.73 8.05
N ALA A 7 13.98 22.66 8.60
CA ALA A 7 15.17 22.98 7.82
C ALA A 7 15.36 21.96 6.69
N ILE A 8 14.98 20.69 6.94
CA ILE A 8 15.09 19.65 5.85
C ILE A 8 14.02 19.93 4.79
N LEU A 9 12.80 20.27 5.20
CA LEU A 9 11.72 20.56 4.27
C LEU A 9 12.01 21.74 3.32
N LYS A 10 12.73 22.75 3.82
CA LYS A 10 13.11 23.91 2.98
C LYS A 10 14.05 23.42 1.87
N ARG A 11 14.90 22.44 2.16
CA ARG A 11 15.93 21.99 1.23
C ARG A 11 15.39 21.05 0.16
N VAL A 12 14.12 20.65 0.23
CA VAL A 12 13.53 19.74 -0.77
C VAL A 12 12.29 20.38 -1.41
N LYS A 13 12.27 21.71 -1.48
CA LYS A 13 11.22 22.57 -2.09
C LYS A 13 10.51 21.84 -3.23
N GLY A 14 9.19 21.66 -3.08
CA GLY A 14 8.37 20.99 -4.12
C GLY A 14 8.40 19.45 -4.13
N TRP A 15 9.08 18.78 -3.15
CA TRP A 15 8.62 17.45 -2.65
C TRP A 15 8.36 17.52 -1.16
N ALA A 16 8.35 18.72 -0.58
CA ALA A 16 8.26 18.90 0.83
C ALA A 16 7.12 18.07 1.41
N PRO A 17 5.87 18.15 0.90
CA PRO A 17 4.76 17.40 1.49
C PRO A 17 5.02 15.86 1.48
N TYR A 18 5.64 15.34 0.42
CA TYR A 18 5.97 13.90 0.37
C TYR A 18 7.01 13.55 1.43
N VAL A 19 8.05 14.38 1.55
CA VAL A 19 9.09 14.14 2.56
C VAL A 19 8.52 14.24 3.99
N ASP A 20 7.50 15.06 4.17
CA ASP A 20 6.91 15.24 5.52
C ASP A 20 5.99 14.06 5.86
N ALA A 21 5.55 13.32 4.83
CA ALA A 21 4.48 12.27 4.94
C ALA A 21 5.03 10.93 5.44
N LYS A 22 5.85 10.96 6.50
CA LYS A 22 6.42 9.74 7.05
C LYS A 22 5.36 8.77 7.62
N LEU A 23 4.16 9.27 7.92
CA LEU A 23 3.08 8.43 8.47
C LEU A 23 2.04 8.08 7.40
N GLY A 24 2.26 8.54 6.17
CA GLY A 24 1.36 8.26 5.05
C GLY A 24 0.40 9.40 4.78
N PHE A 25 -0.45 9.20 3.76
CA PHE A 25 -1.42 10.17 3.40
C PHE A 25 -2.81 9.81 3.96
N ARG A 26 -3.39 10.75 4.68
CA ARG A 26 -4.77 10.64 5.21
C ARG A 26 -5.76 10.90 4.07
N ASN A 27 -6.99 10.38 4.21
CA ASN A 27 -8.12 10.61 3.29
C ASN A 27 -7.91 9.84 1.99
N HIS A 28 -7.39 8.61 2.14
CA HIS A 28 -7.26 7.64 1.12
C HIS A 28 -7.72 6.29 1.67
N TRP A 29 -8.12 5.41 0.77
CA TRP A 29 -8.42 3.98 1.03
C TRP A 29 -7.16 3.15 1.05
N TYR A 30 -7.05 2.17 1.95
CA TYR A 30 -5.92 1.29 2.03
C TYR A 30 -6.39 -0.13 2.27
N PRO A 31 -5.83 -1.16 1.60
CA PRO A 31 -6.15 -2.53 1.94
C PRO A 31 -5.33 -2.99 3.15
N VAL A 32 -5.92 -3.82 4.02
CA VAL A 32 -5.25 -4.14 5.27
C VAL A 32 -5.28 -5.63 5.56
N MET A 33 -6.19 -6.38 4.93
CA MET A 33 -6.31 -7.82 5.09
C MET A 33 -7.22 -8.35 3.97
N PHE A 34 -7.32 -9.68 3.86
CA PHE A 34 -8.22 -10.41 2.90
C PHE A 34 -9.53 -10.68 3.61
N SER A 35 -10.64 -10.54 2.89
CA SER A 35 -12.01 -10.90 3.36
C SER A 35 -12.02 -12.18 4.19
N LYS A 36 -11.33 -13.22 3.71
CA LYS A 36 -11.46 -14.57 4.30
C LYS A 36 -10.83 -14.59 5.70
N GLU A 37 -10.07 -13.57 6.05
CA GLU A 37 -9.28 -13.62 7.29
C GLU A 37 -10.14 -13.10 8.43
N ILE A 38 -11.32 -12.52 8.13
CA ILE A 38 -12.18 -12.01 9.20
C ILE A 38 -13.61 -12.57 9.09
N ASN A 39 -13.96 -13.35 10.11
CA ASN A 39 -15.21 -14.07 10.19
C ASN A 39 -16.19 -13.27 11.04
N GLU A 40 -17.47 -13.59 10.83
CA GLU A 40 -18.64 -13.03 11.49
C GLU A 40 -18.37 -13.02 13.00
N GLY A 41 -18.57 -11.86 13.62
CA GLY A 41 -18.46 -11.73 15.09
C GLY A 41 -17.08 -12.04 15.64
N GLU A 42 -16.02 -12.05 14.81
CA GLU A 42 -14.63 -12.32 15.34
C GLU A 42 -13.76 -11.08 15.11
N PRO A 43 -13.81 -10.06 15.98
CA PRO A 43 -13.14 -8.79 15.67
C PRO A 43 -11.61 -8.95 15.54
N LYS A 44 -10.98 -8.15 14.68
CA LYS A 44 -9.51 -8.13 14.53
C LYS A 44 -8.97 -6.74 14.86
N THR A 45 -7.76 -6.71 15.43
CA THR A 45 -6.92 -5.50 15.65
C THR A 45 -5.90 -5.37 14.51
N LEU A 46 -5.61 -4.12 14.11
CA LEU A 46 -4.46 -3.76 13.25
C LEU A 46 -4.13 -2.29 13.51
N LYS A 47 -2.95 -1.87 13.06
CA LYS A 47 -2.54 -0.51 13.11
C LYS A 47 -2.42 -0.01 11.66
N LEU A 48 -2.94 1.21 11.41
CA LEU A 48 -2.96 1.80 10.08
C LEU A 48 -2.68 3.31 10.22
N LEU A 49 -1.65 3.83 9.52
CA LEU A 49 -1.27 5.23 9.64
C LEU A 49 -1.05 5.61 11.11
N GLY A 50 -0.58 4.65 11.90
CA GLY A 50 -0.21 4.87 13.32
C GLY A 50 -1.36 4.68 14.28
N GLU A 51 -2.57 4.45 13.74
CA GLU A 51 -3.84 4.39 14.56
C GLU A 51 -4.21 2.91 14.80
N ASN A 52 -4.41 2.52 16.06
CA ASN A 52 -4.94 1.21 16.40
C ASN A 52 -6.44 1.17 16.07
N LEU A 53 -6.84 0.18 15.27
CA LEU A 53 -8.22 -0.03 14.77
C LEU A 53 -8.74 -1.41 15.12
N LEU A 54 -10.06 -1.47 15.24
CA LEU A 54 -10.80 -2.74 15.37
C LEU A 54 -11.72 -2.85 14.18
N VAL A 55 -11.74 -4.07 13.60
CA VAL A 55 -12.61 -4.36 12.51
C VAL A 55 -13.49 -5.51 12.95
N ASN A 56 -14.79 -5.42 12.63
CA ASN A 56 -15.71 -6.55 12.94
C ASN A 56 -16.60 -6.80 11.71
N ARG A 57 -17.01 -8.07 11.59
CA ARG A 57 -18.04 -8.49 10.59
C ARG A 57 -19.34 -8.79 11.35
N ILE A 58 -20.40 -8.06 10.99
CA ILE A 58 -21.69 -8.14 11.66
C ILE A 58 -22.78 -8.23 10.59
N ASP A 59 -23.49 -9.38 10.55
CA ASP A 59 -24.42 -9.69 9.46
C ASP A 59 -23.69 -9.60 8.11
N GLY A 60 -22.46 -10.13 8.05
CA GLY A 60 -21.65 -10.17 6.81
C GLY A 60 -21.01 -8.84 6.41
N LYS A 61 -21.30 -7.74 7.14
CA LYS A 61 -20.81 -6.43 6.79
C LYS A 61 -19.72 -5.97 7.80
N LEU A 62 -18.70 -5.29 7.25
CA LEU A 62 -17.49 -4.83 7.98
C LEU A 62 -17.74 -3.44 8.58
N TYR A 63 -17.32 -3.32 9.84
CA TYR A 63 -17.30 -2.06 10.64
C TYR A 63 -15.91 -1.88 11.26
N CYS A 64 -15.44 -0.63 11.31
CA CYS A 64 -14.18 -0.22 11.85
C CYS A 64 -14.39 0.93 12.86
N LEU A 65 -13.85 0.69 14.05
CA LEU A 65 -13.76 1.58 15.23
C LEU A 65 -12.29 1.79 15.59
N LYS A 66 -11.92 2.99 16.06
CA LYS A 66 -10.64 3.21 16.79
C LYS A 66 -10.62 2.33 18.05
N ASP A 67 -9.56 1.53 18.18
CA ASP A 67 -9.30 0.67 19.32
C ASP A 67 -8.66 1.51 20.44
N ARG A 68 -9.44 2.42 21.00
CA ARG A 68 -8.95 3.27 22.10
C ARG A 68 -10.18 3.84 22.81
N CYS A 69 -10.37 3.44 24.05
CA CYS A 69 -11.49 3.88 24.82
C CYS A 69 -11.35 5.37 25.12
N LEU A 70 -12.45 6.09 25.01
CA LEU A 70 -12.46 7.55 25.23
C LEU A 70 -12.19 7.86 26.69
N HIS A 71 -12.48 6.91 27.59
CA HIS A 71 -12.38 7.13 29.02
C HIS A 71 -10.91 7.22 29.50
N ARG A 72 -10.21 6.08 29.63
CA ARG A 72 -8.78 6.12 30.05
C ARG A 72 -7.79 5.70 28.95
N GLY A 73 -8.21 5.60 27.69
CA GLY A 73 -7.24 5.45 26.57
C GLY A 73 -6.67 4.05 26.40
N VAL A 74 -7.32 3.05 27.01
CA VAL A 74 -6.88 1.67 26.87
C VAL A 74 -7.39 1.15 25.53
N GLN A 75 -6.75 0.09 25.01
CA GLN A 75 -7.25 -0.61 23.84
C GLN A 75 -8.38 -1.52 24.32
N LEU A 76 -9.54 -1.44 23.66
CA LEU A 76 -10.66 -2.36 23.95
C LEU A 76 -10.22 -3.81 23.68
N SER A 77 -9.32 -3.99 22.70
CA SER A 77 -8.84 -5.33 22.24
C SER A 77 -7.99 -6.06 23.29
N VAL A 78 -7.54 -5.37 24.34
CA VAL A 78 -6.84 -6.14 25.36
C VAL A 78 -7.72 -7.30 25.83
N LYS A 79 -9.04 -7.04 25.96
CA LYS A 79 -10.10 -8.02 26.26
C LYS A 79 -11.43 -7.55 25.66
N VAL A 80 -11.78 -8.14 24.52
CA VAL A 80 -12.93 -7.86 23.76
C VAL A 80 -14.18 -8.36 24.51
N GLU A 81 -15.15 -7.48 24.75
CA GLU A 81 -16.44 -7.91 25.25
C GLU A 81 -17.51 -7.36 24.28
N CYS A 82 -17.89 -8.18 23.29
CA CYS A 82 -18.99 -7.88 22.45
C CYS A 82 -20.22 -8.56 23.06
N LYS A 83 -21.03 -7.79 23.78
CA LYS A 83 -22.15 -8.40 24.52
C LYS A 83 -23.51 -8.27 23.79
N THR A 84 -23.60 -7.46 22.73
CA THR A 84 -24.72 -7.52 21.78
C THR A 84 -24.09 -7.39 20.41
N LYS A 85 -24.80 -7.89 19.40
CA LYS A 85 -24.34 -7.91 18.04
C LYS A 85 -23.85 -6.50 17.63
N SER A 86 -24.54 -5.45 18.05
CA SER A 86 -24.34 -4.14 17.51
C SER A 86 -23.32 -3.32 18.35
N THR A 87 -22.77 -3.88 19.44
CA THR A 87 -21.94 -3.08 20.37
C THR A 87 -20.63 -3.78 20.77
N ILE A 88 -19.76 -3.00 21.41
CA ILE A 88 -18.59 -3.50 22.12
C ILE A 88 -18.52 -2.72 23.42
N THR A 89 -18.24 -3.45 24.49
CA THR A 89 -18.10 -2.93 25.80
C THR A 89 -16.61 -2.99 26.18
N CYS A 90 -16.05 -1.84 26.61
CA CYS A 90 -14.71 -1.74 27.16
C CYS A 90 -14.66 -2.61 28.41
N TRP A 91 -13.57 -3.38 28.52
CA TRP A 91 -13.36 -4.38 29.56
C TRP A 91 -13.13 -3.69 30.90
N TYR A 92 -12.79 -2.40 30.86
CA TYR A 92 -12.30 -1.74 32.08
C TYR A 92 -13.46 -1.14 32.91
N HIS A 93 -14.24 -0.17 32.37
CA HIS A 93 -15.43 0.36 33.10
C HIS A 93 -16.73 0.23 32.29
N ALA A 94 -16.71 -0.58 31.25
CA ALA A 94 -17.87 -1.01 30.54
C ALA A 94 -18.52 0.10 29.72
N TRP A 95 -17.75 1.14 29.36
CA TRP A 95 -18.28 2.09 28.39
C TRP A 95 -18.57 1.29 27.12
N THR A 96 -19.77 1.47 26.52
CA THR A 96 -20.29 0.58 25.45
C THR A 96 -20.57 1.43 24.22
N TYR A 97 -20.06 0.98 23.07
CA TYR A 97 -20.10 1.75 21.86
C TYR A 97 -20.82 0.96 20.77
N ARG A 98 -21.54 1.65 19.87
CA ARG A 98 -22.11 1.01 18.67
CA ARG A 98 -22.09 0.97 18.68
C ARG A 98 -21.01 0.92 17.58
N TRP A 99 -20.86 -0.26 16.97
CA TRP A 99 -20.06 -0.46 15.80
C TRP A 99 -20.45 0.45 14.66
N GLU A 100 -21.75 0.75 14.56
CA GLU A 100 -22.23 1.40 13.33
C GLU A 100 -21.79 2.87 13.29
N ASP A 101 -21.74 3.54 14.45
CA ASP A 101 -21.48 4.99 14.40
C ASP A 101 -20.55 5.39 15.55
N GLY A 102 -20.15 4.44 16.37
CA GLY A 102 -19.22 4.69 17.43
C GLY A 102 -19.79 5.39 18.63
N VAL A 103 -21.11 5.55 18.68
CA VAL A 103 -21.72 6.36 19.77
C VAL A 103 -21.64 5.53 21.05
N LEU A 104 -21.27 6.21 22.13
CA LEU A 104 -21.33 5.68 23.46
C LEU A 104 -22.81 5.59 23.90
N CYS A 105 -23.39 4.39 23.80
CA CYS A 105 -24.86 4.14 24.00
C CYS A 105 -25.22 3.65 25.42
N ASP A 106 -24.21 3.19 26.18
CA ASP A 106 -24.43 2.65 27.53
C ASP A 106 -23.10 2.62 28.28
N ILE A 107 -23.18 2.66 29.60
CA ILE A 107 -22.10 2.35 30.49
C ILE A 107 -22.66 1.40 31.56
N LEU A 108 -22.18 0.15 31.58
CA LEU A 108 -22.68 -0.89 32.54
C LEU A 108 -22.38 -0.49 33.98
N THR A 109 -21.28 0.24 34.21
CA THR A 109 -20.88 0.57 35.58
C THR A 109 -21.67 1.74 36.13
N ASN A 110 -22.41 2.45 35.27
CA ASN A 110 -23.18 3.65 35.72
C ASN A 110 -24.20 3.98 34.65
N PRO A 111 -25.37 3.30 34.65
CA PRO A 111 -26.37 3.52 33.60
C PRO A 111 -27.01 4.91 33.66
N THR A 112 -26.63 5.73 34.66
CA THR A 112 -27.12 7.07 34.82
C THR A 112 -26.08 8.08 34.39
N SER A 113 -24.88 7.65 33.96
CA SER A 113 -23.85 8.63 33.61
C SER A 113 -24.40 9.66 32.60
N ALA A 114 -24.04 10.90 32.82
CA ALA A 114 -24.28 12.02 31.90
C ALA A 114 -23.48 11.90 30.58
N GLN A 115 -22.46 11.04 30.52
CA GLN A 115 -21.67 10.84 29.27
C GLN A 115 -22.51 10.07 28.24
N ILE A 116 -23.47 9.28 28.70
CA ILE A 116 -24.16 8.38 27.77
C ILE A 116 -24.88 9.19 26.69
N GLY A 117 -24.66 8.82 25.43
CA GLY A 117 -25.24 9.44 24.24
C GLY A 117 -24.51 10.72 23.80
N ARG A 118 -23.60 11.21 24.65
CA ARG A 118 -22.89 12.49 24.47
C ARG A 118 -21.38 12.33 24.12
N GLN A 119 -20.94 11.11 23.77
CA GLN A 119 -19.56 10.83 23.34
C GLN A 119 -19.64 9.86 22.17
N LYS A 120 -18.63 9.88 21.30
CA LYS A 120 -18.63 9.08 20.08
C LYS A 120 -17.17 8.70 19.80
N LEU A 121 -16.95 7.40 19.63
CA LEU A 121 -15.64 6.86 19.24
C LEU A 121 -15.47 7.06 17.74
N LYS A 122 -14.26 7.33 17.29
CA LYS A 122 -14.01 7.52 15.84
C LYS A 122 -14.29 6.23 15.07
N THR A 123 -14.97 6.33 13.91
CA THR A 123 -15.18 5.19 13.01
C THR A 123 -14.52 5.49 11.67
N TYR A 124 -14.22 4.43 10.90
CA TYR A 124 -13.76 4.66 9.55
C TYR A 124 -14.54 3.78 8.60
N PRO A 125 -14.87 4.23 7.37
CA PRO A 125 -15.52 3.34 6.41
C PRO A 125 -14.61 2.18 6.03
N VAL A 126 -15.22 1.03 5.84
CA VAL A 126 -14.63 -0.17 5.38
C VAL A 126 -15.44 -0.66 4.19
N GLN A 127 -14.75 -1.16 3.18
CA GLN A 127 -15.39 -1.76 2.01
C GLN A 127 -14.56 -2.99 1.59
N GLU A 128 -15.23 -4.08 1.23
CA GLU A 128 -14.60 -5.22 0.57
C GLU A 128 -14.75 -5.08 -0.95
N ALA A 129 -13.69 -5.51 -1.65
CA ALA A 129 -13.69 -5.62 -3.11
C ALA A 129 -12.57 -6.60 -3.48
N LYS A 130 -12.85 -7.53 -4.39
CA LYS A 130 -11.88 -8.53 -4.86
C LYS A 130 -11.33 -9.36 -3.73
N GLY A 131 -12.17 -9.62 -2.72
CA GLY A 131 -11.75 -10.39 -1.53
C GLY A 131 -10.67 -9.68 -0.69
N CYS A 132 -10.55 -8.35 -0.85
CA CYS A 132 -9.63 -7.48 -0.12
C CYS A 132 -10.44 -6.53 0.78
N VAL A 133 -9.98 -6.33 2.03
CA VAL A 133 -10.55 -5.33 2.94
C VAL A 133 -9.79 -3.99 2.86
N PHE A 134 -10.50 -2.93 2.48
CA PHE A 134 -10.03 -1.60 2.38
C PHE A 134 -10.63 -0.76 3.51
N ILE A 135 -9.79 0.05 4.17
CA ILE A 135 -10.26 1.01 5.11
C ILE A 135 -10.01 2.42 4.57
N TYR A 136 -11.00 3.31 4.71
CA TYR A 136 -10.79 4.73 4.42
C TYR A 136 -10.29 5.43 5.67
N LEU A 137 -8.97 5.62 5.73
CA LEU A 137 -8.33 6.25 6.84
C LEU A 137 -8.35 7.75 6.55
N GLY A 138 -9.53 8.30 6.86
CA GLY A 138 -9.90 9.67 6.54
C GLY A 138 -11.20 10.11 7.20
N ASP A 139 -11.52 11.39 7.03
CA ASP A 139 -12.66 12.10 7.64
C ASP A 139 -13.64 12.48 6.53
N GLY A 140 -14.92 12.54 6.85
CA GLY A 140 -15.92 12.92 5.85
C GLY A 140 -16.34 11.73 5.02
N ASP A 141 -17.14 12.01 3.97
CA ASP A 141 -17.67 10.96 3.11
C ASP A 141 -16.53 10.47 2.24
N PRO A 142 -16.32 9.16 2.17
CA PRO A 142 -15.24 8.63 1.36
C PRO A 142 -15.47 8.87 -0.14
N PRO A 143 -14.37 8.99 -0.93
CA PRO A 143 -14.48 9.00 -2.39
C PRO A 143 -14.77 7.56 -2.78
N PRO A 144 -15.12 7.28 -4.06
CA PRO A 144 -15.22 5.90 -4.55
C PRO A 144 -13.86 5.21 -4.48
N LEU A 145 -13.87 3.91 -4.22
CA LEU A 145 -12.66 3.12 -4.07
C LEU A 145 -11.75 3.23 -5.30
N ALA A 146 -12.36 3.30 -6.48
CA ALA A 146 -11.64 3.26 -7.75
C ALA A 146 -10.58 4.36 -7.79
N ARG A 147 -10.85 5.52 -7.16
CA ARG A 147 -9.94 6.65 -7.11
C ARG A 147 -8.55 6.20 -6.58
N ASP A 148 -8.53 5.22 -5.67
CA ASP A 148 -7.36 4.85 -4.87
C ASP A 148 -6.89 3.43 -5.22
N THR A 149 -7.23 2.98 -6.42
CA THR A 149 -6.88 1.65 -6.97
C THR A 149 -6.34 1.83 -8.39
N PRO A 150 -5.46 0.95 -8.88
CA PRO A 150 -4.86 1.10 -10.21
C PRO A 150 -5.90 0.69 -11.25
N PRO A 151 -5.80 1.14 -12.53
CA PRO A 151 -6.72 0.71 -13.59
C PRO A 151 -6.81 -0.81 -13.66
N ASN A 152 -8.05 -1.30 -13.77
CA ASN A 152 -8.33 -2.72 -14.14
C ASN A 152 -8.40 -3.60 -12.90
N PHE A 153 -8.00 -3.09 -11.73
CA PHE A 153 -8.05 -3.90 -10.51
C PHE A 153 -9.50 -4.30 -10.15
N LEU A 154 -10.47 -3.41 -10.41
CA LEU A 154 -11.90 -3.59 -10.08
C LEU A 154 -12.76 -4.02 -11.31
N ASP A 155 -12.14 -4.48 -12.41
CA ASP A 155 -12.91 -5.07 -13.54
C ASP A 155 -13.58 -6.36 -13.07
N ASP A 156 -14.85 -6.60 -13.46
CA ASP A 156 -15.67 -7.78 -12.98
C ASP A 156 -14.98 -9.13 -13.20
N ASP A 157 -14.34 -9.29 -14.36
CA ASP A 157 -13.72 -10.60 -14.73
C ASP A 157 -12.37 -10.77 -14.05
N MET A 158 -11.83 -9.69 -13.46
CA MET A 158 -10.46 -9.73 -12.93
C MET A 158 -10.49 -10.53 -11.61
N GLU A 159 -9.78 -11.66 -11.57
CA GLU A 159 -9.73 -12.53 -10.41
C GLU A 159 -8.45 -12.17 -9.66
N ILE A 160 -8.61 -11.79 -8.38
CA ILE A 160 -7.52 -11.28 -7.50
C ILE A 160 -7.23 -12.33 -6.43
N LEU A 161 -5.98 -12.76 -6.32
CA LEU A 161 -5.43 -13.61 -5.25
C LEU A 161 -4.18 -12.92 -4.67
N GLY A 162 -3.81 -13.19 -3.41
CA GLY A 162 -2.74 -12.40 -2.78
C GLY A 162 -2.12 -12.98 -1.53
N LYS A 163 -1.18 -12.17 -1.02
CA LYS A 163 -0.43 -12.36 0.22
C LYS A 163 -0.19 -10.96 0.87
N ASN A 164 -0.15 -10.91 2.19
CA ASN A 164 0.08 -9.74 2.96
C ASN A 164 1.06 -10.13 4.06
N GLN A 165 1.95 -9.22 4.42
CA GLN A 165 2.83 -9.36 5.58
C GLN A 165 3.32 -7.96 6.03
N ILE A 166 3.96 -7.92 7.19
CA ILE A 166 4.49 -6.73 7.79
C ILE A 166 5.98 -6.65 7.48
N ILE A 167 6.39 -5.51 6.93
CA ILE A 167 7.81 -5.28 6.56
C ILE A 167 8.34 -4.04 7.32
N LYS A 168 9.56 -4.17 7.80
CA LYS A 168 10.20 -3.15 8.58
C LYS A 168 10.97 -2.16 7.66
N SER A 169 10.21 -1.38 6.90
CA SER A 169 10.69 -0.11 6.37
C SER A 169 9.53 0.89 6.30
N ASN A 170 9.89 2.16 6.20
CA ASN A 170 8.95 3.18 5.87
C ASN A 170 8.32 2.81 4.53
N TRP A 171 7.02 3.09 4.40
CA TRP A 171 6.24 2.81 3.18
C TRP A 171 6.87 3.46 1.92
N ARG A 172 7.48 4.63 2.06
CA ARG A 172 8.02 5.37 0.86
C ARG A 172 9.22 4.63 0.23
N LEU A 173 10.04 3.98 1.08
CA LEU A 173 11.17 3.20 0.56
C LEU A 173 10.65 2.05 -0.30
N ALA A 174 9.50 1.50 0.07
CA ALA A 174 8.89 0.39 -0.64
C ALA A 174 8.37 0.88 -2.01
N VAL A 175 7.66 2.01 -2.01
CA VAL A 175 7.12 2.59 -3.23
C VAL A 175 8.28 2.87 -4.17
N GLU A 176 9.30 3.56 -3.66
CA GLU A 176 10.32 4.03 -4.52
C GLU A 176 11.04 2.82 -5.13
N ASN A 177 11.41 1.83 -4.31
CA ASN A 177 12.04 0.61 -4.82
C ASN A 177 11.19 0.00 -5.95
N GLY A 178 9.87 -0.10 -5.77
CA GLY A 178 9.03 -0.76 -6.76
C GLY A 178 8.97 -0.02 -8.08
N PHE A 179 8.96 1.32 -8.05
CA PHE A 179 8.84 2.13 -9.24
C PHE A 179 10.21 2.51 -9.85
N ASP A 180 11.29 1.96 -9.31
CA ASP A 180 12.68 2.29 -9.62
C ASP A 180 13.10 1.49 -10.86
N PRO A 181 13.22 2.11 -12.05
CA PRO A 181 13.48 1.37 -13.29
C PRO A 181 14.80 0.60 -13.21
N SER A 182 15.82 1.16 -12.57
CA SER A 182 17.11 0.47 -12.57
C SER A 182 17.23 -0.58 -11.49
N HIS A 183 16.27 -0.68 -10.55
CA HIS A 183 16.38 -1.65 -9.45
C HIS A 183 16.20 -3.10 -9.96
N ILE A 184 15.82 -3.26 -11.21
CA ILE A 184 15.66 -4.55 -11.88
C ILE A 184 16.94 -5.38 -11.75
N TYR A 185 18.11 -4.72 -11.61
CA TYR A 185 19.39 -5.33 -11.39
C TYR A 185 19.33 -6.36 -10.25
N ILE A 186 18.54 -6.07 -9.21
CA ILE A 186 18.54 -6.92 -8.00
C ILE A 186 17.80 -8.23 -8.32
N HIS A 187 17.01 -8.24 -9.37
CA HIS A 187 16.19 -9.38 -9.72
C HIS A 187 16.94 -10.35 -10.67
N LYS A 188 18.18 -10.04 -11.05
CA LYS A 188 18.88 -10.72 -12.16
C LYS A 188 19.05 -12.23 -11.92
N ASP A 189 19.10 -12.68 -10.66
CA ASP A 189 19.29 -14.08 -10.33
C ASP A 189 17.98 -14.72 -9.85
N SER A 190 16.82 -14.08 -10.05
CA SER A 190 15.58 -14.66 -9.48
C SER A 190 15.33 -16.05 -10.09
N ILE A 191 14.92 -17.03 -9.26
CA ILE A 191 14.41 -18.36 -9.74
C ILE A 191 13.33 -18.13 -10.82
N LEU A 192 12.44 -17.16 -10.63
CA LEU A 192 11.37 -16.90 -11.59
C LEU A 192 11.92 -16.48 -12.97
N VAL A 193 13.10 -15.85 -13.01
CA VAL A 193 13.69 -15.45 -14.30
C VAL A 193 14.04 -16.70 -15.12
N LYS A 194 14.70 -17.69 -14.53
CA LYS A 194 14.97 -18.96 -15.26
C LYS A 194 13.68 -19.76 -15.48
N ASP A 195 13.05 -20.19 -14.39
CA ASP A 195 12.01 -21.23 -14.41
C ASP A 195 10.70 -20.73 -15.02
N ASN A 196 10.66 -19.48 -15.50
CA ASN A 196 9.52 -18.98 -16.28
C ASN A 196 10.01 -18.23 -17.52
N ASP A 197 11.29 -18.42 -17.86
CA ASP A 197 11.87 -17.99 -19.13
C ASP A 197 11.54 -16.51 -19.42
N LEU A 198 11.97 -15.59 -18.52
CA LEU A 198 11.67 -14.16 -18.73
C LEU A 198 12.81 -13.50 -19.50
N ALA A 199 12.43 -12.51 -20.30
CA ALA A 199 13.33 -11.51 -20.75
C ALA A 199 13.42 -10.45 -19.65
N LEU A 200 14.66 -10.18 -19.21
CA LEU A 200 14.90 -9.18 -18.17
C LEU A 200 16.24 -8.49 -18.40
N PRO A 201 16.20 -7.22 -18.78
CA PRO A 201 17.40 -6.41 -18.86
C PRO A 201 18.06 -6.19 -17.47
N LEU A 202 19.35 -5.84 -17.48
CA LEU A 202 20.06 -5.36 -16.32
C LEU A 202 19.63 -3.93 -15.98
N GLY A 203 19.19 -3.17 -16.97
CA GLY A 203 18.91 -1.75 -16.81
C GLY A 203 18.54 -1.10 -18.14
N PHE A 204 18.73 0.23 -18.26
CA PHE A 204 18.30 1.04 -19.37
C PHE A 204 19.24 2.22 -19.62
N ALA A 205 19.57 2.43 -20.91
CA ALA A 205 20.20 3.68 -21.39
C ALA A 205 19.05 4.55 -21.89
N PRO A 206 18.68 5.57 -21.12
CA PRO A 206 17.51 6.37 -21.44
C PRO A 206 17.80 7.24 -22.66
N GLY A 207 16.74 7.61 -23.39
CA GLY A 207 16.78 8.58 -24.46
C GLY A 207 15.55 9.45 -24.39
N GLY A 208 15.52 10.48 -25.24
CA GLY A 208 14.42 11.44 -25.19
C GLY A 208 14.73 12.50 -24.16
N ASP A 209 13.82 13.43 -23.93
CA ASP A 209 13.95 14.44 -22.88
C ASP A 209 13.33 13.88 -21.58
N ARG A 210 13.45 14.68 -20.53
CA ARG A 210 12.97 14.44 -19.18
C ARG A 210 11.48 14.05 -19.24
N LYS A 211 10.66 14.88 -19.88
CA LYS A 211 9.18 14.71 -19.82
C LYS A 211 8.80 13.35 -20.42
N GLN A 212 9.60 12.86 -21.38
CA GLN A 212 9.26 11.62 -22.09
C GLN A 212 9.57 10.39 -21.22
N GLN A 213 10.30 10.55 -20.11
CA GLN A 213 10.65 9.40 -19.23
C GLN A 213 9.38 8.83 -18.54
N THR A 214 8.33 9.64 -18.38
CA THR A 214 7.08 9.24 -17.68
C THR A 214 5.82 9.86 -18.31
N ARG A 215 4.65 9.25 -18.07
CA ARG A 215 3.34 9.88 -18.24
CA ARG A 215 3.33 9.90 -18.24
C ARG A 215 2.73 10.15 -16.84
N VAL A 216 2.51 11.42 -16.52
CA VAL A 216 1.84 11.84 -15.31
C VAL A 216 0.32 11.82 -15.55
N VAL A 217 -0.44 10.97 -14.86
CA VAL A 217 -1.90 10.89 -15.04
C VAL A 217 -2.59 11.73 -13.97
N ASP A 218 -3.12 12.92 -14.33
CA ASP A 218 -4.04 13.73 -13.46
C ASP A 218 -5.35 14.04 -14.21
N ASP A 219 -5.62 13.25 -15.25
CA ASP A 219 -6.69 13.41 -16.21
C ASP A 219 -7.56 12.15 -16.24
N ASP A 220 -7.33 11.18 -15.34
CA ASP A 220 -8.16 9.94 -15.33
C ASP A 220 -9.54 10.29 -14.74
N VAL A 221 -10.57 9.62 -15.28
CA VAL A 221 -11.99 10.07 -15.17
C VAL A 221 -12.52 9.85 -13.75
N VAL A 222 -12.02 8.80 -13.06
CA VAL A 222 -12.42 8.43 -11.67
C VAL A 222 -11.54 9.14 -10.62
N GLY A 223 -10.62 10.00 -11.08
CA GLY A 223 -9.79 10.84 -10.19
C GLY A 223 -8.48 10.18 -9.74
N ARG A 224 -8.17 8.96 -10.20
CA ARG A 224 -6.85 8.34 -10.00
C ARG A 224 -5.75 9.33 -10.33
N LYS A 225 -4.62 9.21 -9.60
CA LYS A 225 -3.40 9.98 -9.80
C LYS A 225 -2.20 9.05 -9.69
N GLY A 226 -1.39 9.01 -10.76
CA GLY A 226 -0.27 8.12 -10.86
C GLY A 226 0.73 8.56 -11.92
N VAL A 227 1.72 7.70 -12.13
CA VAL A 227 2.78 7.94 -13.05
C VAL A 227 3.10 6.61 -13.74
N TYR A 228 3.20 6.65 -15.07
CA TYR A 228 3.69 5.53 -15.89
C TYR A 228 5.22 5.71 -16.11
N ASP A 229 5.97 4.62 -15.95
CA ASP A 229 7.36 4.54 -16.27
C ASP A 229 7.52 4.28 -17.78
N LEU A 230 8.01 5.28 -18.53
CA LEU A 230 8.14 5.20 -20.01
C LEU A 230 9.61 5.12 -20.41
N ILE A 231 10.46 4.58 -19.55
CA ILE A 231 11.87 4.62 -19.82
C ILE A 231 12.21 3.81 -21.07
N GLY A 232 11.46 2.72 -21.30
CA GLY A 232 11.66 1.78 -22.40
C GLY A 232 11.19 2.32 -23.76
N GLU A 233 10.49 3.47 -23.82
CA GLU A 233 9.97 3.97 -25.09
C GLU A 233 11.09 4.55 -25.95
N HIS A 234 11.86 5.52 -25.43
CA HIS A 234 12.99 6.12 -26.17
C HIS A 234 14.31 5.54 -25.67
N GLY A 235 14.25 4.68 -24.64
CA GLY A 235 15.44 4.11 -24.02
C GLY A 235 15.83 2.78 -24.64
N VAL A 236 17.09 2.40 -24.43
CA VAL A 236 17.64 1.12 -24.90
C VAL A 236 17.87 0.22 -23.70
N PRO A 237 17.38 -1.03 -23.67
CA PRO A 237 17.60 -1.91 -22.54
C PRO A 237 19.08 -2.31 -22.46
N VAL A 238 19.64 -2.49 -21.25
CA VAL A 238 21.02 -2.91 -21.13
C VAL A 238 21.00 -4.39 -20.80
N PHE A 239 21.66 -5.21 -21.65
CA PHE A 239 21.79 -6.66 -21.45
C PHE A 239 23.25 -7.07 -21.20
N GLU A 240 24.20 -6.15 -21.41
CA GLU A 240 25.55 -6.47 -21.14
C GLU A 240 26.11 -5.41 -20.22
N GLY A 241 26.52 -5.85 -19.03
CA GLY A 241 27.12 -4.98 -18.03
C GLY A 241 28.62 -5.03 -18.13
N THR A 242 29.21 -3.86 -18.32
CA THR A 242 30.64 -3.77 -18.51
C THR A 242 31.28 -2.94 -17.40
N ILE A 243 32.51 -3.36 -17.06
CA ILE A 243 33.40 -2.64 -16.25
C ILE A 243 34.70 -2.46 -17.02
N GLY A 244 35.08 -1.21 -17.28
CA GLY A 244 36.26 -0.89 -18.13
C GLY A 244 36.15 -1.49 -19.54
N GLY A 245 34.92 -1.55 -20.08
CA GLY A 245 34.58 -2.17 -21.38
C GLY A 245 34.49 -3.68 -21.39
N GLU A 246 34.82 -4.36 -20.28
CA GLU A 246 34.74 -5.82 -20.23
C GLU A 246 33.37 -6.28 -19.75
N VAL A 247 32.78 -7.25 -20.47
CA VAL A 247 31.46 -7.79 -20.09
C VAL A 247 31.65 -8.65 -18.84
N VAL A 248 30.97 -8.29 -17.74
CA VAL A 248 31.12 -9.01 -16.44
C VAL A 248 29.78 -9.64 -16.02
N ARG A 249 28.68 -9.23 -16.63
CA ARG A 249 27.36 -9.76 -16.34
C ARG A 249 26.44 -9.52 -17.55
N GLU A 250 25.56 -10.47 -17.79
CA GLU A 250 24.54 -10.31 -18.82
C GLU A 250 23.14 -10.39 -18.18
N GLY A 251 22.16 -9.78 -18.83
CA GLY A 251 20.79 -9.94 -18.48
C GLY A 251 20.27 -11.32 -18.87
N ALA A 252 18.94 -11.49 -18.79
CA ALA A 252 18.25 -12.76 -19.08
C ALA A 252 17.57 -12.69 -20.46
N TYR A 253 17.88 -13.69 -21.31
CA TYR A 253 17.43 -13.74 -22.72
C TYR A 253 16.32 -14.76 -22.92
N GLY A 254 15.25 -14.67 -22.12
CA GLY A 254 14.08 -15.54 -22.25
C GLY A 254 13.09 -15.02 -23.28
N GLU A 255 12.04 -15.80 -23.52
CA GLU A 255 11.00 -15.56 -24.53
C GLU A 255 9.89 -14.65 -23.98
N LYS A 256 9.51 -14.86 -22.72
CA LYS A 256 8.32 -14.18 -22.13
C LYS A 256 8.64 -12.70 -21.83
N ILE A 257 7.88 -11.83 -22.48
CA ILE A 257 7.92 -10.38 -22.34
C ILE A 257 6.95 -10.01 -21.22
N VAL A 258 7.47 -9.29 -20.21
CA VAL A 258 6.69 -8.84 -19.05
C VAL A 258 7.04 -7.37 -18.78
N ALA A 259 6.14 -6.72 -18.03
CA ALA A 259 6.31 -5.39 -17.52
C ALA A 259 6.43 -4.40 -18.69
N ASN A 260 5.53 -4.55 -19.67
CA ASN A 260 5.31 -3.59 -20.74
C ASN A 260 4.86 -2.25 -20.12
N ASP A 261 3.91 -2.28 -19.15
CA ASP A 261 3.53 -1.01 -18.48
C ASP A 261 3.69 -1.14 -16.95
N ILE A 262 4.29 -0.09 -16.36
CA ILE A 262 4.55 0.00 -14.96
C ILE A 262 4.07 1.36 -14.50
N SER A 263 3.27 1.38 -13.41
CA SER A 263 2.64 2.61 -12.93
C SER A 263 2.49 2.55 -11.41
N ILE A 264 2.66 3.71 -10.78
CA ILE A 264 2.56 3.87 -9.35
C ILE A 264 1.39 4.83 -9.12
N TRP A 265 0.47 4.48 -8.21
CA TRP A 265 -0.71 5.36 -7.97
C TRP A 265 -0.74 5.74 -6.48
N LEU A 266 -1.30 6.93 -6.19
CA LEU A 266 -1.70 7.28 -4.85
C LEU A 266 -2.82 6.33 -4.43
N PRO A 267 -2.81 5.92 -3.15
CA PRO A 267 -1.88 6.41 -2.12
C PRO A 267 -0.50 5.70 -2.04
N GLY A 268 -0.27 4.71 -2.89
CA GLY A 268 0.96 3.96 -2.87
C GLY A 268 0.72 2.52 -3.25
N VAL A 269 0.30 2.34 -4.52
CA VAL A 269 0.10 1.02 -5.16
C VAL A 269 0.78 1.02 -6.53
N LEU A 270 1.54 -0.05 -6.76
CA LEU A 270 2.23 -0.33 -8.01
C LEU A 270 1.44 -1.35 -8.84
N LYS A 271 1.32 -1.07 -10.14
CA LYS A 271 0.78 -2.02 -11.17
C LYS A 271 1.87 -2.34 -12.18
N VAL A 272 2.20 -3.62 -12.29
CA VAL A 272 3.13 -4.07 -13.29
C VAL A 272 2.36 -5.02 -14.22
N ASN A 273 2.31 -4.67 -15.51
CA ASN A 273 1.53 -5.36 -16.53
C ASN A 273 2.35 -5.60 -17.80
N PRO A 274 2.48 -6.85 -18.23
CA PRO A 274 1.92 -8.03 -17.60
C PRO A 274 3.01 -8.63 -16.70
N PHE A 275 2.61 -9.33 -15.63
CA PHE A 275 3.56 -9.92 -14.67
C PHE A 275 2.80 -10.75 -13.65
N PRO A 276 3.37 -11.86 -13.15
CA PRO A 276 4.66 -12.43 -13.53
C PRO A 276 4.63 -13.32 -14.80
N ASN A 277 3.52 -13.28 -15.55
CA ASN A 277 3.34 -14.10 -16.75
C ASN A 277 2.67 -13.22 -17.79
N PRO A 278 2.84 -13.48 -19.11
CA PRO A 278 2.25 -12.58 -20.11
C PRO A 278 0.72 -12.46 -20.03
N ASP A 279 0.05 -13.35 -19.28
CA ASP A 279 -1.45 -13.34 -19.18
C ASP A 279 -1.96 -12.82 -17.81
N MET A 280 -1.11 -12.11 -17.06
CA MET A 280 -1.40 -11.70 -15.67
C MET A 280 -0.93 -10.25 -15.41
N MET A 281 -1.39 -9.72 -14.28
CA MET A 281 -1.05 -8.41 -13.69
C MET A 281 -0.65 -8.55 -12.20
N GLN A 282 0.28 -7.71 -11.73
CA GLN A 282 0.62 -7.56 -10.31
C GLN A 282 0.20 -6.14 -9.86
N PHE A 283 -0.62 -6.10 -8.81
CA PHE A 283 -0.93 -4.88 -8.08
C PHE A 283 -0.41 -5.06 -6.66
N GLU A 284 0.51 -4.21 -6.18
CA GLU A 284 0.95 -4.36 -4.79
C GLU A 284 0.95 -2.99 -4.10
N TRP A 285 0.45 -3.02 -2.85
CA TRP A 285 0.34 -1.82 -2.02
C TRP A 285 1.46 -1.85 -1.00
N TYR A 286 1.89 -0.66 -0.56
CA TYR A 286 2.82 -0.48 0.55
C TYR A 286 2.13 0.44 1.58
N VAL A 287 1.48 -0.18 2.55
CA VAL A 287 0.51 0.49 3.40
C VAL A 287 1.13 0.95 4.71
N PRO A 288 1.15 2.26 5.03
CA PRO A 288 1.84 2.72 6.23
C PRO A 288 1.15 2.18 7.50
N ILE A 289 1.94 1.54 8.35
CA ILE A 289 1.49 1.05 9.67
C ILE A 289 1.92 2.07 10.73
N ASP A 290 3.21 2.39 10.70
CA ASP A 290 3.82 3.47 11.50
C ASP A 290 5.00 3.96 10.65
N GLU A 291 5.90 4.72 11.23
CA GLU A 291 6.93 5.36 10.47
C GLU A 291 8.00 4.36 10.04
N ASN A 292 8.07 3.19 10.70
CA ASN A 292 9.10 2.22 10.49
C ASN A 292 8.59 0.95 9.76
N THR A 293 7.31 0.88 9.39
CA THR A 293 6.66 -0.37 9.08
C THR A 293 5.59 -0.16 8.02
N HIS A 294 5.38 -1.19 7.22
CA HIS A 294 4.32 -1.16 6.23
C HIS A 294 3.81 -2.57 5.99
N TYR A 295 2.54 -2.66 5.53
CA TYR A 295 1.98 -3.90 4.97
C TYR A 295 2.43 -3.94 3.51
N TYR A 296 3.04 -5.05 3.11
CA TYR A 296 3.37 -5.35 1.75
C TYR A 296 2.25 -6.23 1.25
N PHE A 297 1.24 -5.56 0.67
CA PHE A 297 -0.02 -6.20 0.27
C PHE A 297 0.05 -6.54 -1.22
N GLN A 298 0.43 -7.78 -1.50
CA GLN A 298 0.66 -8.26 -2.86
C GLN A 298 -0.64 -8.86 -3.45
N THR A 299 -1.00 -8.47 -4.68
CA THR A 299 -2.03 -9.21 -5.41
C THR A 299 -1.61 -9.49 -6.85
N LEU A 300 -2.09 -10.65 -7.36
CA LEU A 300 -2.02 -11.04 -8.76
C LEU A 300 -3.44 -11.15 -9.31
N GLY A 301 -3.68 -10.39 -10.40
CA GLY A 301 -4.90 -10.36 -11.16
C GLY A 301 -4.78 -11.13 -12.48
N LYS A 302 -5.78 -11.97 -12.79
CA LYS A 302 -5.89 -12.69 -14.07
C LYS A 302 -7.34 -12.73 -14.49
N PRO A 303 -7.72 -12.22 -15.70
CA PRO A 303 -9.10 -12.35 -16.19
C PRO A 303 -9.49 -13.84 -16.23
N CYS A 304 -10.63 -14.13 -15.59
CA CYS A 304 -11.31 -15.42 -15.57
C CYS A 304 -12.78 -15.19 -15.97
N ALA A 305 -13.28 -16.03 -16.90
CA ALA A 305 -14.62 -15.86 -17.55
C ALA A 305 -15.69 -16.73 -16.87
N ASN A 306 -15.31 -17.70 -16.05
CA ASN A 306 -16.22 -18.66 -15.40
C ASN A 306 -15.52 -19.33 -14.21
N ASP A 307 -16.28 -20.09 -13.39
CA ASP A 307 -15.78 -20.78 -12.16
C ASP A 307 -14.62 -21.74 -12.43
N GLU A 308 -14.58 -22.30 -13.65
CA GLU A 308 -13.56 -23.27 -14.05
C GLU A 308 -12.19 -22.56 -14.14
N GLU A 309 -12.16 -21.40 -14.82
CA GLU A 309 -10.92 -20.63 -15.01
C GLU A 309 -10.39 -20.16 -13.63
N ARG A 310 -11.31 -19.78 -12.72
CA ARG A 310 -11.05 -19.37 -11.32
C ARG A 310 -10.50 -20.50 -10.47
N LYS A 311 -10.96 -21.73 -10.71
CA LYS A 311 -10.43 -22.88 -10.01
C LYS A 311 -8.99 -23.10 -10.48
N LYS A 312 -8.80 -23.00 -11.79
CA LYS A 312 -7.51 -23.22 -12.48
C LYS A 312 -6.48 -22.23 -11.90
N TYR A 313 -6.82 -20.94 -12.02
CA TYR A 313 -6.04 -19.80 -11.52
C TYR A 313 -5.57 -20.05 -10.08
N GLU A 314 -6.50 -20.37 -9.19
CA GLU A 314 -6.24 -20.54 -7.77
C GLU A 314 -5.17 -21.61 -7.57
N GLN A 315 -5.20 -22.65 -8.42
CA GLN A 315 -4.35 -23.83 -8.23
C GLN A 315 -2.90 -23.50 -8.67
N GLU A 316 -2.74 -22.73 -9.75
CA GLU A 316 -1.37 -22.32 -10.16
C GLU A 316 -0.84 -21.20 -9.24
N PHE A 317 -1.71 -20.27 -8.80
CA PHE A 317 -1.39 -19.29 -7.76
C PHE A 317 -0.71 -20.05 -6.62
N GLU A 318 -1.36 -21.08 -6.06
CA GLU A 318 -0.83 -21.78 -4.88
C GLU A 318 0.46 -22.54 -5.21
N SER A 319 0.52 -23.18 -6.37
CA SER A 319 1.59 -24.17 -6.61
C SER A 319 2.79 -23.46 -7.24
N LYS A 320 2.53 -22.47 -8.09
CA LYS A 320 3.60 -21.79 -8.82
C LYS A 320 3.77 -20.29 -8.41
N TRP A 321 2.78 -19.42 -8.70
CA TRP A 321 2.94 -17.97 -8.71
C TRP A 321 3.26 -17.38 -7.32
N LYS A 322 2.65 -17.91 -6.25
CA LYS A 322 2.94 -17.45 -4.90
C LYS A 322 4.39 -17.77 -4.57
N PRO A 323 4.85 -19.05 -4.53
CA PRO A 323 6.22 -19.34 -4.12
C PRO A 323 7.31 -18.85 -5.08
N MET A 324 6.99 -18.74 -6.38
CA MET A 324 8.03 -18.45 -7.35
C MET A 324 8.15 -16.94 -7.63
N ALA A 325 7.03 -16.22 -7.67
CA ALA A 325 6.97 -14.80 -7.97
C ALA A 325 6.85 -14.00 -6.65
N LEU A 326 5.69 -14.07 -5.97
CA LEU A 326 5.40 -13.23 -4.80
C LEU A 326 6.51 -13.38 -3.76
N GLU A 327 7.08 -14.59 -3.66
CA GLU A 327 8.19 -14.85 -2.75
C GLU A 327 9.53 -14.88 -3.48
N GLY A 328 9.63 -15.70 -4.53
CA GLY A 328 10.91 -15.93 -5.17
C GLY A 328 11.42 -14.73 -5.96
N PHE A 329 10.53 -13.89 -6.46
CA PHE A 329 10.94 -12.67 -7.13
C PHE A 329 10.94 -11.48 -6.12
N ASN A 330 9.86 -11.27 -5.34
CA ASN A 330 9.75 -10.04 -4.52
C ASN A 330 10.52 -10.08 -3.18
N ASN A 331 11.01 -11.23 -2.71
CA ASN A 331 11.78 -11.28 -1.52
C ASN A 331 12.99 -10.34 -1.63
N ASP A 332 13.59 -10.22 -2.80
CA ASP A 332 14.75 -9.34 -2.98
C ASP A 332 14.33 -7.87 -2.77
N ASP A 333 13.11 -7.51 -3.17
CA ASP A 333 12.57 -6.20 -2.95
C ASP A 333 12.53 -5.88 -1.45
N ILE A 334 12.21 -6.88 -0.64
CA ILE A 334 12.00 -6.68 0.75
C ILE A 334 13.33 -6.27 1.37
N TRP A 335 14.40 -7.01 1.09
CA TRP A 335 15.62 -6.65 1.77
C TRP A 335 16.29 -5.42 1.13
N ALA A 336 15.97 -5.13 -0.14
CA ALA A 336 16.41 -3.84 -0.74
C ALA A 336 15.82 -2.67 0.05
N ARG A 337 14.52 -2.73 0.32
CA ARG A 337 13.84 -1.68 1.12
C ARG A 337 14.52 -1.56 2.48
N GLU A 338 14.81 -2.70 3.11
CA GLU A 338 15.38 -2.67 4.46
C GLU A 338 16.76 -1.96 4.44
N ALA A 339 17.48 -2.10 3.32
CA ALA A 339 18.85 -1.62 3.20
C ALA A 339 18.89 -0.11 3.07
N MET A 340 17.76 0.51 2.71
CA MET A 340 17.66 1.96 2.64
C MET A 340 17.29 2.61 3.98
N VAL A 341 16.85 1.84 4.99
CA VAL A 341 16.28 2.41 6.21
C VAL A 341 17.30 3.35 6.86
N ASP A 342 18.56 2.90 7.05
CA ASP A 342 19.48 3.69 7.85
C ASP A 342 19.69 5.09 7.22
N PHE A 343 19.89 5.17 5.91
CA PHE A 343 20.19 6.43 5.27
C PHE A 343 19.00 7.39 5.34
N TYR A 344 17.79 6.87 5.45
CA TYR A 344 16.56 7.73 5.43
C TYR A 344 16.01 7.93 6.86
N ALA A 345 16.58 7.26 7.86
CA ALA A 345 16.00 7.22 9.22
C ALA A 345 15.95 8.61 9.86
N ASP A 346 16.98 9.42 9.65
CA ASP A 346 17.11 10.75 10.23
C ASP A 346 16.59 11.82 9.27
N ASP A 347 15.87 11.42 8.22
CA ASP A 347 15.26 12.31 7.23
C ASP A 347 16.31 13.00 6.35
N LYS A 348 17.57 12.62 6.44
CA LYS A 348 18.60 13.34 5.72
C LYS A 348 18.88 12.68 4.35
N GLY A 349 18.52 11.40 4.19
CA GLY A 349 18.67 10.74 2.91
C GLY A 349 18.01 11.52 1.80
N TRP A 350 16.90 12.20 2.13
CA TRP A 350 16.13 12.95 1.13
C TRP A 350 16.98 14.09 0.56
N VAL A 351 17.97 14.61 1.32
CA VAL A 351 18.82 15.68 0.83
C VAL A 351 20.21 15.17 0.43
N ASN A 352 20.67 14.02 0.98
CA ASN A 352 22.05 13.62 0.70
C ASN A 352 22.16 12.48 -0.35
N GLU A 353 21.04 11.90 -0.79
CA GLU A 353 21.06 10.97 -1.92
C GLU A 353 21.68 11.70 -3.13
N ILE A 354 22.34 10.96 -4.01
CA ILE A 354 22.77 11.44 -5.33
C ILE A 354 22.09 10.61 -6.41
N LEU A 355 21.07 11.19 -7.04
CA LEU A 355 20.19 10.55 -8.02
C LEU A 355 20.84 10.45 -9.39
N PHE A 356 20.38 9.51 -10.22
CA PHE A 356 20.86 9.44 -11.61
C PHE A 356 19.65 9.42 -12.55
N GLU A 357 19.89 9.15 -13.82
CA GLU A 357 18.90 9.49 -14.87
C GLU A 357 17.61 8.69 -14.67
N SER A 358 17.71 7.38 -14.39
CA SER A 358 16.47 6.54 -14.19
C SER A 358 15.63 7.02 -12.99
N ASP A 359 16.20 7.80 -12.06
CA ASP A 359 15.47 8.25 -10.88
C ASP A 359 14.45 9.32 -11.25
N GLU A 360 14.42 9.73 -12.52
CA GLU A 360 13.40 10.68 -12.98
C GLU A 360 11.98 10.11 -12.72
N ALA A 361 11.80 8.80 -12.82
CA ALA A 361 10.52 8.15 -12.49
C ALA A 361 10.12 8.45 -11.03
N ILE A 362 11.06 8.32 -10.11
CA ILE A 362 10.85 8.52 -8.68
C ILE A 362 10.58 10.01 -8.41
N VAL A 363 11.41 10.90 -8.98
CA VAL A 363 11.17 12.34 -8.86
C VAL A 363 9.73 12.64 -9.31
N ALA A 364 9.27 12.04 -10.40
CA ALA A 364 7.99 12.40 -10.91
C ALA A 364 6.93 11.93 -9.90
N TRP A 365 7.12 10.73 -9.34
CA TRP A 365 6.23 10.24 -8.27
C TRP A 365 6.24 11.18 -7.06
N ARG A 366 7.42 11.63 -6.63
CA ARG A 366 7.46 12.50 -5.45
C ARG A 366 6.67 13.80 -5.63
N LYS A 367 6.76 14.40 -6.83
CA LYS A 367 6.00 15.59 -7.20
C LYS A 367 4.49 15.25 -7.27
N LEU A 368 4.10 14.17 -7.94
CA LEU A 368 2.68 13.75 -8.05
C LEU A 368 2.08 13.53 -6.64
N ALA A 369 2.84 12.86 -5.77
CA ALA A 369 2.35 12.58 -4.42
C ALA A 369 2.24 13.89 -3.64
N SER A 370 3.24 14.77 -3.81
CA SER A 370 3.30 16.01 -3.10
C SER A 370 2.05 16.84 -3.41
N GLU A 371 1.61 16.82 -4.66
CA GLU A 371 0.61 17.72 -5.17
C GLU A 371 -0.79 17.12 -5.06
N HIS A 372 -0.97 15.80 -5.26
CA HIS A 372 -2.32 15.23 -5.37
C HIS A 372 -2.74 14.39 -4.15
N ASN A 373 -1.96 14.42 -3.06
CA ASN A 373 -2.32 13.66 -1.86
C ASN A 373 -3.49 14.36 -1.16
N GLN A 374 -4.35 13.59 -0.48
CA GLN A 374 -5.54 14.15 0.15
C GLN A 374 -5.27 14.55 1.63
N GLY A 375 -4.00 14.58 2.07
CA GLY A 375 -3.73 14.99 3.46
C GLY A 375 -2.52 14.30 4.04
N ILE A 376 -1.82 15.03 4.90
CA ILE A 376 -0.65 14.55 5.59
C ILE A 376 -1.07 14.06 6.98
N GLN A 377 -0.88 12.76 7.25
CA GLN A 377 -1.07 12.19 8.62
C GLN A 377 0.04 12.69 9.55
N THR A 378 -0.36 13.14 10.73
CA THR A 378 0.47 13.70 11.79
C THR A 378 0.27 12.95 13.10
N GLN A 379 1.19 13.19 14.03
CA GLN A 379 1.16 12.63 15.37
C GLN A 379 -0.09 13.12 16.11
N ALA A 380 -0.58 14.30 15.77
CA ALA A 380 -1.79 14.81 16.40
C ALA A 380 -3.02 13.99 15.96
N HIS A 381 -3.08 13.57 14.69
CA HIS A 381 -4.13 12.64 14.24
C HIS A 381 -4.06 11.35 15.07
N VAL A 382 -2.84 10.88 15.35
CA VAL A 382 -2.67 9.64 16.07
C VAL A 382 -3.08 9.82 17.54
N SER A 383 -2.64 10.89 18.18
CA SER A 383 -2.82 11.00 19.63
C SER A 383 -4.20 11.61 19.95
N GLY A 384 -4.82 12.27 18.97
CA GLY A 384 -6.24 12.72 19.01
C GLY A 384 -6.42 14.24 19.10
N LEU A 385 -7.68 14.67 19.04
CA LEU A 385 -8.04 16.06 19.43
C LEU A 385 -7.82 16.28 20.95
N GLU A 386 -7.60 17.56 21.34
CA GLU A 386 -7.11 17.98 22.70
C GLU A 386 -8.24 18.63 23.54
N HIS A 387 -8.35 18.23 24.83
CA HIS A 387 -9.48 18.64 25.77
C HIS A 387 -9.07 19.80 26.71
FE1 FES B . -12.75 2.04 28.80
FE2 FES B . -12.87 3.14 31.31
S1 FES B . -14.48 2.27 30.15
S2 FES B . -11.08 2.87 29.96
FE FE2 C . 11.49 -5.28 -7.71
OB2 WBP D . 9.07 -3.37 -11.17
CB2 WBP D . 9.50 -4.33 -12.07
CB3 WBP D . 10.26 -4.01 -13.20
CB4 WBP D . 10.67 -5.01 -14.10
CB5 WBP D . 10.36 -6.34 -13.87
CB6 WBP D . 9.59 -6.73 -12.75
CB1 WBP D . 9.17 -5.76 -11.85
CA1 WBP D . 8.36 -5.96 -10.62
CA6 WBP D . 7.10 -6.57 -10.56
CA5 WBP D . 6.41 -6.65 -9.37
CA4 WBP D . 6.94 -6.13 -8.18
CA3 WBP D . 8.23 -5.54 -8.15
OA3 WBP D . 8.98 -5.04 -7.14
CA2 WBP D . 8.98 -5.45 -9.37
OA2 WBP D . 10.20 -4.89 -9.18
S DMS E . -25.62 -3.15 13.21
O DMS E . -26.02 -4.48 13.76
C1 DMS E . -26.22 -1.83 14.15
C2 DMS E . -23.93 -3.00 13.39
C1 MPD F . 18.09 14.37 -10.64
C2 MPD F . 18.03 13.62 -12.00
O2 MPD F . 17.01 12.60 -11.84
CM MPD F . 17.56 14.58 -13.11
C3 MPD F . 19.37 12.90 -12.43
C4 MPD F . 20.53 13.52 -13.30
O4 MPD F . 21.25 14.57 -12.63
C5 MPD F . 21.70 12.60 -13.71
#